data_2MFU
#
_entry.id   2MFU
#
_entity_poly.entity_id   1
_entity_poly.type   'polydeoxyribonucleotide'
_entity_poly.pdbx_seq_one_letter_code
;(DT)(DG)(DG)(DG)(DT)(DT)(DT)(DG)(DG)(DG)(DT)(DT)(DG)(DG)(DG)(DT)(DT)(DT)(DG)(DG)
(DG)
;
_entity_poly.pdbx_strand_id   A
#
loop_
_chem_comp.id
_chem_comp.type
_chem_comp.name
_chem_comp.formula
DG DNA linking 2'-DEOXYGUANOSINE-5'-MONOPHOSPHATE 'C10 H14 N5 O7 P'
DT DNA linking THYMIDINE-5'-MONOPHOSPHATE 'C10 H15 N2 O8 P'
#